data_2DST
#
_entry.id   2DST
#
_cell.length_a   31.714
_cell.length_b   65.822
_cell.length_c   59.320
_cell.angle_alpha   90.00
_cell.angle_beta   92.61
_cell.angle_gamma   90.00
#
_symmetry.space_group_name_H-M   'P 1 21 1'
#
loop_
_entity.id
_entity.type
_entity.pdbx_description
1 polymer 'Hypothetical protein TTHA1544'
2 water water
#
_entity_poly.entity_id   1
_entity_poly.type   'polypeptide(L)'
_entity_poly.pdbx_seq_one_letter_code
;MRRAGYLHLYGLNLVFDRVGKGPPVLLVAEEASRWPEALPEGYAFYLLDLPGYGRTEGPRMAPEELAHFVAGFAVMMNLG
APWVLLRGLGLALGPHLEALGLRALPAEGVEVAEVLSSKLSYGNIDLGGNL
;
_entity_poly.pdbx_strand_id   A,B
#
# COMPACT_ATOMS: atom_id res chain seq x y z
N ARG A 2 -20.66 16.86 2.45
CA ARG A 2 -19.57 16.09 1.79
C ARG A 2 -18.53 17.07 1.28
N ARG A 3 -17.31 17.01 1.80
CA ARG A 3 -16.26 17.91 1.36
C ARG A 3 -15.33 17.24 0.36
N ALA A 4 -15.13 17.90 -0.77
CA ALA A 4 -14.27 17.37 -1.82
C ALA A 4 -12.82 17.54 -1.43
N GLY A 5 -11.98 16.64 -1.92
CA GLY A 5 -10.56 16.69 -1.63
C GLY A 5 -9.77 16.02 -2.74
N TYR A 6 -8.45 15.96 -2.56
CA TYR A 6 -7.59 15.35 -3.56
C TYR A 6 -6.34 14.77 -2.91
N LEU A 7 -5.83 13.70 -3.51
CA LEU A 7 -4.63 13.06 -3.03
C LEU A 7 -3.75 12.73 -4.23
N HIS A 8 -2.54 13.26 -4.25
CA HIS A 8 -1.61 12.96 -5.34
C HIS A 8 -1.10 11.56 -5.03
N LEU A 9 -1.34 10.64 -5.96
CA LEU A 9 -0.97 9.24 -5.78
C LEU A 9 -0.62 8.56 -7.11
N TYR A 10 0.54 7.93 -7.15
CA TYR A 10 0.99 7.24 -8.36
C TYR A 10 0.93 8.16 -9.56
N GLY A 11 1.39 9.40 -9.35
CA GLY A 11 1.42 10.41 -10.39
C GLY A 11 0.12 11.11 -10.73
N LEU A 12 -0.98 10.65 -10.15
CA LEU A 12 -2.29 11.21 -10.42
C LEU A 12 -2.86 11.98 -9.22
N ASN A 13 -3.88 12.79 -9.49
CA ASN A 13 -4.57 13.54 -8.44
C ASN A 13 -5.96 12.95 -8.32
N LEU A 14 -6.09 12.02 -7.39
CA LEU A 14 -7.35 11.33 -7.17
C LEU A 14 -8.28 12.18 -6.32
N VAL A 15 -9.41 12.57 -6.89
CA VAL A 15 -10.38 13.38 -6.18
C VAL A 15 -11.36 12.46 -5.45
N PHE A 16 -11.77 12.87 -4.26
CA PHE A 16 -12.68 12.08 -3.45
C PHE A 16 -13.53 12.99 -2.58
N ASP A 17 -14.68 12.48 -2.17
CA ASP A 17 -15.59 13.22 -1.30
C ASP A 17 -15.46 12.57 0.06
N ARG A 18 -15.63 13.37 1.11
CA ARG A 18 -15.53 12.84 2.46
C ARG A 18 -16.72 13.33 3.28
N VAL A 19 -17.15 12.52 4.23
CA VAL A 19 -18.26 12.82 5.13
C VAL A 19 -18.23 11.85 6.31
N GLY A 20 -18.56 12.37 7.49
CA GLY A 20 -18.62 11.53 8.67
C GLY A 20 -17.38 11.36 9.52
N LYS A 21 -17.59 10.87 10.73
CA LYS A 21 -16.50 10.62 11.65
C LYS A 21 -16.67 9.23 12.22
N GLY A 22 -15.55 8.58 12.52
CA GLY A 22 -15.57 7.23 13.07
C GLY A 22 -14.77 6.31 12.17
N PRO A 23 -14.88 4.98 12.34
CA PRO A 23 -14.14 4.02 11.51
C PRO A 23 -14.16 4.43 10.05
N PRO A 24 -13.00 4.36 9.37
CA PRO A 24 -13.04 4.76 7.97
C PRO A 24 -13.64 3.71 7.04
N VAL A 25 -14.36 4.18 6.04
CA VAL A 25 -14.99 3.30 5.08
C VAL A 25 -14.86 3.84 3.68
N LEU A 26 -14.35 3.02 2.77
CA LEU A 26 -14.22 3.46 1.41
C LEU A 26 -15.37 2.98 0.54
N LEU A 27 -15.96 3.90 -0.19
CA LEU A 27 -17.03 3.62 -1.13
C LEU A 27 -16.35 3.76 -2.48
N VAL A 28 -16.26 2.65 -3.21
CA VAL A 28 -15.61 2.67 -4.50
C VAL A 28 -16.45 2.14 -5.65
N ALA A 29 -16.70 3.06 -6.58
CA ALA A 29 -17.44 2.84 -7.81
C ALA A 29 -16.67 3.70 -8.81
N GLU A 30 -17.24 3.96 -9.98
CA GLU A 30 -16.56 4.79 -11.00
C GLU A 30 -16.13 6.08 -10.37
N GLU A 31 -17.08 6.72 -9.70
CA GLU A 31 -16.86 7.99 -9.00
C GLU A 31 -17.98 8.26 -7.98
N ALA A 32 -17.73 9.25 -7.12
CA ALA A 32 -18.60 9.64 -6.01
C ALA A 32 -20.12 9.76 -6.18
N SER A 33 -20.59 10.29 -7.31
CA SER A 33 -22.03 10.47 -7.46
C SER A 33 -22.82 9.16 -7.55
N ARG A 34 -22.14 8.03 -7.59
CA ARG A 34 -22.89 6.77 -7.65
C ARG A 34 -23.29 6.33 -6.24
N TRP A 35 -23.15 7.24 -5.29
CA TRP A 35 -23.54 6.94 -3.91
C TRP A 35 -24.50 8.06 -3.45
N PRO A 36 -25.65 8.17 -4.13
CA PRO A 36 -26.69 9.17 -3.84
C PRO A 36 -27.36 9.08 -2.48
N GLU A 37 -27.49 7.85 -1.97
CA GLU A 37 -28.13 7.62 -0.68
C GLU A 37 -27.61 8.50 0.45
N ALA A 38 -28.36 8.54 1.55
CA ALA A 38 -27.95 9.31 2.73
C ALA A 38 -27.13 8.29 3.53
N LEU A 39 -25.87 8.64 3.78
CA LEU A 39 -24.96 7.78 4.52
C LEU A 39 -25.10 7.90 6.03
N PRO A 40 -25.02 6.77 6.73
CA PRO A 40 -25.13 6.70 8.18
C PRO A 40 -24.04 7.42 8.95
N GLU A 41 -24.37 7.89 10.15
CA GLU A 41 -23.42 8.57 11.02
C GLU A 41 -22.59 7.50 11.67
N GLY A 42 -21.40 7.88 12.15
CA GLY A 42 -20.56 6.92 12.82
C GLY A 42 -19.41 6.36 11.99
N TYR A 43 -19.31 6.76 10.73
CA TYR A 43 -18.23 6.29 9.87
C TYR A 43 -17.65 7.45 9.09
N ALA A 44 -16.35 7.37 8.81
CA ALA A 44 -15.70 8.40 8.02
C ALA A 44 -15.69 7.79 6.62
N PHE A 45 -16.60 8.24 5.79
CA PHE A 45 -16.70 7.74 4.43
C PHE A 45 -15.81 8.50 3.45
N TYR A 46 -15.17 7.77 2.56
CA TYR A 46 -14.32 8.35 1.52
C TYR A 46 -14.86 7.81 0.20
N LEU A 47 -15.40 8.71 -0.63
CA LEU A 47 -15.97 8.31 -1.90
C LEU A 47 -15.02 8.69 -3.01
N LEU A 48 -14.38 7.69 -3.61
CA LEU A 48 -13.38 7.92 -4.65
C LEU A 48 -13.88 8.11 -6.08
N ASP A 49 -13.18 8.96 -6.82
CA ASP A 49 -13.47 9.14 -8.23
C ASP A 49 -12.29 8.40 -8.81
N LEU A 50 -12.51 7.18 -9.31
CA LEU A 50 -11.39 6.41 -9.87
C LEU A 50 -10.74 7.10 -11.08
N PRO A 51 -9.43 6.86 -11.27
CA PRO A 51 -8.65 7.43 -12.38
C PRO A 51 -9.35 7.20 -13.72
N GLY A 52 -9.58 8.29 -14.44
CA GLY A 52 -10.25 8.17 -15.74
C GLY A 52 -11.71 8.52 -15.67
N TYR A 53 -12.26 8.52 -14.46
CA TYR A 53 -13.67 8.82 -14.27
C TYR A 53 -13.92 10.03 -13.35
N GLY A 54 -15.06 10.69 -13.58
CA GLY A 54 -15.45 11.83 -12.79
C GLY A 54 -14.43 12.94 -12.77
N ARG A 55 -14.00 13.34 -11.58
CA ARG A 55 -13.04 14.41 -11.41
C ARG A 55 -11.58 13.95 -11.37
N THR A 56 -11.32 12.67 -11.61
CA THR A 56 -9.94 12.21 -11.57
C THR A 56 -9.35 11.92 -12.94
N GLU A 57 -8.51 12.84 -13.40
CA GLU A 57 -7.80 12.74 -14.69
C GLU A 57 -6.96 11.48 -14.66
N GLY A 58 -7.11 10.62 -15.66
CA GLY A 58 -6.32 9.40 -15.68
C GLY A 58 -6.60 8.49 -16.82
N PRO A 59 -5.73 7.51 -17.06
CA PRO A 59 -5.97 6.58 -18.16
C PRO A 59 -6.88 5.43 -17.69
N ARG A 60 -7.48 4.75 -18.65
CA ARG A 60 -8.33 3.60 -18.39
C ARG A 60 -7.40 2.47 -17.95
N MET A 61 -7.62 1.89 -16.77
CA MET A 61 -6.76 0.80 -16.26
C MET A 61 -7.55 -0.45 -15.89
N ALA A 62 -6.84 -1.57 -15.82
CA ALA A 62 -7.43 -2.86 -15.47
C ALA A 62 -7.90 -2.85 -14.02
N PRO A 63 -8.82 -3.76 -13.66
CA PRO A 63 -9.31 -3.82 -12.28
C PRO A 63 -8.24 -4.13 -11.26
N GLU A 64 -7.26 -4.95 -11.64
CA GLU A 64 -6.22 -5.27 -10.70
C GLU A 64 -5.35 -4.03 -10.47
N GLU A 65 -5.20 -3.22 -11.52
CA GLU A 65 -4.41 -1.99 -11.40
C GLU A 65 -5.15 -0.97 -10.55
N LEU A 66 -6.46 -0.85 -10.76
CA LEU A 66 -7.27 0.08 -9.96
C LEU A 66 -7.30 -0.33 -8.49
N ALA A 67 -7.32 -1.64 -8.21
CA ALA A 67 -7.34 -2.12 -6.82
C ALA A 67 -6.08 -1.62 -6.14
N HIS A 68 -5.00 -1.48 -6.89
CA HIS A 68 -3.78 -0.96 -6.31
C HIS A 68 -3.92 0.49 -5.86
N PHE A 69 -4.63 1.29 -6.65
CA PHE A 69 -4.86 2.67 -6.30
C PHE A 69 -5.68 2.75 -5.01
N VAL A 70 -6.70 1.91 -4.91
CA VAL A 70 -7.52 1.92 -3.71
C VAL A 70 -6.68 1.59 -2.49
N ALA A 71 -5.88 0.53 -2.58
CA ALA A 71 -5.02 0.13 -1.48
C ALA A 71 -4.06 1.27 -1.19
N GLY A 72 -3.47 1.82 -2.25
CA GLY A 72 -2.54 2.92 -2.10
C GLY A 72 -3.20 4.07 -1.36
N PHE A 73 -4.45 4.36 -1.70
CA PHE A 73 -5.19 5.46 -1.07
C PHE A 73 -5.34 5.24 0.42
N ALA A 74 -5.73 4.03 0.80
CA ALA A 74 -5.93 3.69 2.21
C ALA A 74 -4.68 3.86 3.10
N VAL A 75 -3.53 3.39 2.64
CA VAL A 75 -2.33 3.52 3.46
C VAL A 75 -1.80 4.95 3.43
N MET A 76 -1.97 5.60 2.30
CA MET A 76 -1.53 6.97 2.07
C MET A 76 -2.30 7.91 3.00
N MET A 77 -3.59 7.61 3.19
CA MET A 77 -4.45 8.44 4.03
C MET A 77 -4.51 7.93 5.47
N ASN A 78 -3.60 7.03 5.78
CA ASN A 78 -3.51 6.46 7.13
C ASN A 78 -4.84 5.86 7.60
N LEU A 79 -5.55 5.19 6.71
CA LEU A 79 -6.85 4.63 7.09
C LEU A 79 -6.81 3.21 7.65
N GLY A 80 -5.63 2.62 7.78
CA GLY A 80 -5.56 1.27 8.30
C GLY A 80 -6.08 0.25 7.30
N ALA A 81 -7.05 -0.57 7.71
CA ALA A 81 -7.61 -1.59 6.84
C ALA A 81 -9.12 -1.39 6.74
N PRO A 82 -9.54 -0.33 6.05
CA PRO A 82 -10.95 -0.01 5.87
C PRO A 82 -11.69 -0.98 4.98
N TRP A 83 -12.99 -1.12 5.22
CA TRP A 83 -13.81 -1.99 4.38
C TRP A 83 -14.03 -1.19 3.10
N VAL A 84 -14.17 -1.87 1.98
CA VAL A 84 -14.41 -1.22 0.73
C VAL A 84 -15.75 -1.69 0.17
N LEU A 85 -16.72 -0.79 0.09
CA LEU A 85 -18.03 -1.11 -0.48
C LEU A 85 -17.87 -0.88 -2.00
N LEU A 86 -18.50 -1.74 -2.80
CA LEU A 86 -18.38 -1.65 -4.26
C LEU A 86 -19.68 -1.50 -5.03
N ARG A 87 -19.61 -0.77 -6.14
CA ARG A 87 -20.78 -0.56 -6.97
C ARG A 87 -20.26 -0.24 -8.37
N GLY A 88 -21.01 -0.66 -9.39
CA GLY A 88 -20.60 -0.41 -10.77
C GLY A 88 -19.22 -0.98 -11.07
N LEU A 89 -18.37 -0.17 -11.69
CA LEU A 89 -17.02 -0.57 -12.04
C LEU A 89 -16.25 -1.14 -10.84
N GLY A 90 -16.52 -0.59 -9.67
CA GLY A 90 -15.83 -1.03 -8.45
C GLY A 90 -15.94 -2.50 -8.14
N LEU A 91 -17.05 -3.13 -8.51
CA LEU A 91 -17.28 -4.56 -8.29
C LEU A 91 -16.19 -5.43 -8.93
N ALA A 92 -15.65 -5.00 -10.06
CA ALA A 92 -14.61 -5.80 -10.69
C ALA A 92 -13.33 -5.82 -9.85
N LEU A 93 -13.18 -4.88 -8.93
CA LEU A 93 -11.99 -4.81 -8.08
C LEU A 93 -11.96 -5.76 -6.88
N GLY A 94 -13.14 -6.14 -6.40
CA GLY A 94 -13.25 -7.00 -5.23
C GLY A 94 -12.19 -8.07 -4.97
N PRO A 95 -12.00 -9.04 -5.88
CA PRO A 95 -10.98 -10.10 -5.69
C PRO A 95 -9.56 -9.55 -5.50
N HIS A 96 -9.16 -8.62 -6.36
CA HIS A 96 -7.82 -8.08 -6.25
C HIS A 96 -7.65 -7.28 -4.94
N LEU A 97 -8.73 -6.65 -4.50
CA LEU A 97 -8.70 -5.88 -3.26
C LEU A 97 -8.47 -6.80 -2.08
N GLU A 98 -9.22 -7.90 -2.02
CA GLU A 98 -9.08 -8.86 -0.94
C GLU A 98 -7.65 -9.37 -0.90
N ALA A 99 -7.09 -9.64 -2.07
CA ALA A 99 -5.73 -10.16 -2.15
C ALA A 99 -4.71 -9.16 -1.61
N LEU A 100 -5.05 -7.88 -1.67
CA LEU A 100 -4.16 -6.83 -1.17
C LEU A 100 -4.40 -6.58 0.33
N GLY A 101 -5.34 -7.33 0.91
CA GLY A 101 -5.61 -7.18 2.33
C GLY A 101 -6.78 -6.34 2.75
N LEU A 102 -7.60 -5.88 1.80
CA LEU A 102 -8.76 -5.07 2.12
C LEU A 102 -10.02 -5.91 1.91
N ARG A 103 -10.99 -5.76 2.80
CA ARG A 103 -12.22 -6.53 2.66
C ARG A 103 -13.21 -5.76 1.77
N ALA A 104 -13.65 -6.43 0.72
CA ALA A 104 -14.56 -5.82 -0.23
C ALA A 104 -15.98 -6.34 -0.07
N LEU A 105 -16.91 -5.41 0.04
CA LEU A 105 -18.31 -5.72 0.20
C LEU A 105 -19.12 -5.15 -0.96
N PRO A 106 -19.87 -6.00 -1.66
CA PRO A 106 -20.69 -5.52 -2.78
C PRO A 106 -21.90 -4.74 -2.25
N ALA A 107 -22.16 -3.59 -2.82
CA ALA A 107 -23.27 -2.74 -2.40
C ALA A 107 -24.05 -2.37 -3.63
N GLU A 108 -24.11 -3.30 -4.59
CA GLU A 108 -24.81 -3.06 -5.83
C GLU A 108 -26.29 -2.74 -5.62
N GLY A 109 -27.04 -3.62 -4.98
CA GLY A 109 -28.45 -3.36 -4.80
C GLY A 109 -28.89 -2.63 -3.53
N VAL A 110 -28.03 -2.67 -2.52
CA VAL A 110 -28.35 -2.07 -1.24
C VAL A 110 -27.75 -0.68 -0.98
N GLU A 111 -28.40 0.06 -0.07
CA GLU A 111 -27.93 1.37 0.34
C GLU A 111 -26.86 1.06 1.38
N VAL A 112 -25.84 1.90 1.42
CA VAL A 112 -24.72 1.71 2.34
C VAL A 112 -25.08 1.38 3.79
N ALA A 113 -26.03 2.11 4.36
CA ALA A 113 -26.43 1.90 5.74
C ALA A 113 -26.89 0.47 5.99
N GLU A 114 -27.66 -0.08 5.06
CA GLU A 114 -28.16 -1.43 5.22
C GLU A 114 -27.00 -2.41 5.04
N VAL A 115 -26.06 -2.11 4.13
CA VAL A 115 -24.92 -3.00 3.94
C VAL A 115 -24.11 -3.15 5.23
N LEU A 116 -23.77 -2.02 5.85
CA LEU A 116 -22.97 -1.99 7.07
C LEU A 116 -23.68 -2.57 8.30
N SER A 117 -24.93 -2.18 8.50
CA SER A 117 -25.66 -2.71 9.65
C SER A 117 -25.88 -4.20 9.46
N SER A 118 -26.11 -4.63 8.23
CA SER A 118 -26.32 -6.05 7.97
C SER A 118 -25.07 -6.89 8.13
N LYS A 119 -23.95 -6.41 7.58
CA LYS A 119 -22.68 -7.15 7.64
C LYS A 119 -22.12 -7.18 9.07
N LEU A 120 -22.37 -6.12 9.82
CA LEU A 120 -21.88 -6.02 11.18
C LEU A 120 -22.74 -6.78 12.19
N SER A 121 -24.05 -6.81 11.94
CA SER A 121 -24.98 -7.45 12.85
C SER A 121 -25.39 -8.89 12.54
N TYR A 122 -25.52 -9.22 11.26
CA TYR A 122 -25.94 -10.56 10.88
C TYR A 122 -24.81 -11.46 10.41
N GLY A 123 -24.70 -12.60 11.10
CA GLY A 123 -23.65 -13.55 10.82
C GLY A 123 -22.48 -13.22 11.72
N ARG B 2 25.94 8.22 4.82
CA ARG B 2 24.65 7.50 5.03
C ARG B 2 23.74 8.30 5.95
N ARG B 3 22.45 7.97 5.98
CA ARG B 3 21.53 8.76 6.80
C ARG B 3 20.32 8.01 7.33
N ALA B 4 19.97 8.27 8.59
CA ALA B 4 18.84 7.63 9.25
C ALA B 4 17.63 8.54 9.29
N GLY B 5 16.45 7.93 9.22
CA GLY B 5 15.20 8.68 9.27
C GLY B 5 14.06 7.72 9.56
N TYR B 6 12.84 8.23 9.62
CA TYR B 6 11.69 7.38 9.89
C TYR B 6 10.41 7.83 9.24
N LEU B 7 9.52 6.86 9.06
CA LEU B 7 8.23 7.07 8.44
C LEU B 7 7.15 6.59 9.41
N HIS B 8 6.11 7.39 9.63
CA HIS B 8 5.06 6.97 10.53
C HIS B 8 4.11 6.17 9.66
N LEU B 9 3.92 4.90 10.01
CA LEU B 9 3.09 4.02 9.21
C LEU B 9 2.42 2.97 10.08
N TYR B 10 1.10 2.85 9.99
CA TYR B 10 0.36 1.88 10.79
C TYR B 10 0.67 2.08 12.27
N GLY B 11 0.59 3.35 12.69
CA GLY B 11 0.83 3.70 14.08
C GLY B 11 2.23 3.48 14.62
N LEU B 12 3.16 3.05 13.77
CA LEU B 12 4.54 2.82 14.18
C LEU B 12 5.46 3.80 13.45
N ASN B 13 6.69 3.96 13.95
CA ASN B 13 7.66 4.84 13.29
C ASN B 13 8.75 3.91 12.78
N LEU B 14 8.65 3.52 11.51
CA LEU B 14 9.62 2.60 10.91
C LEU B 14 10.90 3.32 10.52
N VAL B 15 11.99 2.95 11.19
CA VAL B 15 13.27 3.58 10.96
C VAL B 15 14.05 2.93 9.83
N PHE B 16 14.79 3.75 9.08
CA PHE B 16 15.54 3.24 7.95
C PHE B 16 16.73 4.10 7.57
N ASP B 17 17.64 3.51 6.81
CA ASP B 17 18.82 4.22 6.33
C ASP B 17 18.66 4.45 4.84
N ARG B 18 19.15 5.61 4.39
CA ARG B 18 19.10 6.01 3.00
C ARG B 18 20.52 6.28 2.56
N VAL B 19 20.78 6.12 1.27
CA VAL B 19 22.11 6.38 0.72
C VAL B 19 22.08 6.16 -0.78
N GLY B 20 22.83 6.98 -1.52
CA GLY B 20 22.86 6.83 -2.95
C GLY B 20 21.75 7.57 -3.67
N LYS B 21 21.96 7.74 -4.97
CA LYS B 21 21.02 8.42 -5.85
C LYS B 21 20.76 7.55 -7.06
N GLY B 22 19.51 7.53 -7.53
CA GLY B 22 19.17 6.74 -8.69
C GLY B 22 17.86 6.00 -8.49
N PRO B 23 17.57 4.99 -9.32
CA PRO B 23 16.30 4.27 -9.11
C PRO B 23 16.27 3.71 -7.66
N PRO B 24 15.08 3.67 -7.05
CA PRO B 24 15.04 3.16 -5.67
C PRO B 24 15.04 1.63 -5.51
N VAL B 25 15.74 1.18 -4.47
CA VAL B 25 15.86 -0.24 -4.14
C VAL B 25 15.72 -0.42 -2.62
N LEU B 26 14.83 -1.29 -2.20
CA LEU B 26 14.66 -1.52 -0.78
C LEU B 26 15.50 -2.72 -0.34
N LEU B 27 16.22 -2.56 0.77
CA LEU B 27 17.04 -3.67 1.28
C LEU B 27 16.34 -4.13 2.54
N VAL B 28 15.81 -5.34 2.48
CA VAL B 28 15.05 -5.82 3.62
C VAL B 28 15.51 -7.08 4.35
N ALA B 29 15.98 -6.83 5.56
CA ALA B 29 16.40 -7.86 6.50
C ALA B 29 15.69 -7.45 7.80
N GLU B 30 16.10 -8.02 8.93
CA GLU B 30 15.50 -7.67 10.21
C GLU B 30 15.75 -6.19 10.43
N GLU B 31 16.98 -5.77 10.13
CA GLU B 31 17.31 -4.36 10.24
C GLU B 31 18.55 -3.99 9.41
N ALA B 32 18.74 -2.69 9.22
CA ALA B 32 19.83 -2.17 8.39
C ALA B 32 21.21 -2.79 8.58
N SER B 33 21.51 -3.24 9.80
CA SER B 33 22.82 -3.82 10.10
C SER B 33 23.17 -5.10 9.34
N ARG B 34 22.19 -5.73 8.72
CA ARG B 34 22.43 -6.97 7.99
C ARG B 34 22.95 -6.74 6.58
N TRP B 35 23.21 -5.48 6.23
CA TRP B 35 23.73 -5.09 4.92
C TRP B 35 25.03 -4.32 5.14
N PRO B 36 26.07 -5.01 5.58
CA PRO B 36 27.35 -4.32 5.81
C PRO B 36 28.20 -4.01 4.59
N GLU B 37 28.03 -4.77 3.50
CA GLU B 37 28.86 -4.57 2.32
C GLU B 37 28.75 -3.20 1.69
N ALA B 38 29.81 -2.83 0.96
CA ALA B 38 29.83 -1.57 0.27
C ALA B 38 28.76 -1.68 -0.81
N LEU B 39 27.83 -0.74 -0.85
CA LEU B 39 26.78 -0.74 -1.85
C LEU B 39 27.24 -0.05 -3.12
N PRO B 40 26.65 -0.40 -4.28
CA PRO B 40 26.99 0.19 -5.57
C PRO B 40 26.40 1.58 -5.81
N GLU B 41 27.07 2.33 -6.68
CA GLU B 41 26.65 3.67 -7.07
C GLU B 41 25.46 3.55 -8.03
N GLY B 42 24.71 4.63 -8.20
CA GLY B 42 23.61 4.59 -9.14
C GLY B 42 22.27 4.11 -8.65
N TYR B 43 22.12 3.85 -7.35
CA TYR B 43 20.83 3.43 -6.82
C TYR B 43 20.50 4.12 -5.53
N ALA B 44 19.21 4.39 -5.32
CA ALA B 44 18.74 5.02 -4.10
C ALA B 44 18.33 3.89 -3.15
N PHE B 45 19.23 3.55 -2.24
CA PHE B 45 18.99 2.47 -1.28
C PHE B 45 18.28 2.89 0.01
N TYR B 46 17.32 2.07 0.42
CA TYR B 46 16.58 2.30 1.66
C TYR B 46 16.72 1.00 2.44
N LEU B 47 17.40 1.06 3.59
CA LEU B 47 17.59 -0.09 4.46
C LEU B 47 16.66 -0.03 5.66
N LEU B 48 15.57 -0.79 5.60
CA LEU B 48 14.57 -0.81 6.66
C LEU B 48 14.89 -1.60 7.94
N ASP B 49 14.43 -1.10 9.08
CA ASP B 49 14.55 -1.84 10.33
C ASP B 49 13.10 -2.27 10.49
N LEU B 50 12.81 -3.55 10.32
CA LEU B 50 11.44 -3.98 10.46
C LEU B 50 10.87 -3.86 11.88
N PRO B 51 9.56 -3.64 11.98
CA PRO B 51 8.97 -3.53 13.32
C PRO B 51 9.44 -4.66 14.23
N GLY B 52 9.85 -4.31 15.45
CA GLY B 52 10.28 -5.31 16.40
C GLY B 52 11.77 -5.61 16.37
N TYR B 53 12.52 -4.99 15.46
CA TYR B 53 13.96 -5.22 15.38
C TYR B 53 14.73 -3.94 15.21
N GLY B 54 16.01 -3.97 15.55
CA GLY B 54 16.84 -2.78 15.39
C GLY B 54 16.29 -1.57 16.09
N ARG B 55 16.19 -0.46 15.35
CA ARG B 55 15.70 0.80 15.89
C ARG B 55 14.21 0.99 15.84
N THR B 56 13.50 0.10 15.15
CA THR B 56 12.05 0.29 15.05
C THR B 56 11.29 -0.45 16.13
N GLU B 57 10.66 0.35 17.00
CA GLU B 57 9.87 -0.17 18.12
C GLU B 57 8.60 -0.78 17.55
N GLY B 58 8.23 -1.94 18.07
CA GLY B 58 7.02 -2.58 17.58
C GLY B 58 6.91 -4.01 18.04
N PRO B 59 5.76 -4.64 17.81
CA PRO B 59 5.63 -6.03 18.24
C PRO B 59 6.14 -6.99 17.16
N ARG B 60 6.38 -8.22 17.55
CA ARG B 60 6.85 -9.23 16.61
C ARG B 60 5.64 -9.68 15.80
N MET B 61 5.70 -9.51 14.48
CA MET B 61 4.59 -9.87 13.61
C MET B 61 4.95 -10.95 12.61
N ALA B 62 3.94 -11.67 12.13
CA ALA B 62 4.17 -12.72 11.16
C ALA B 62 4.65 -12.12 9.83
N PRO B 63 5.29 -12.94 8.96
CA PRO B 63 5.78 -12.48 7.66
C PRO B 63 4.82 -11.70 6.73
N GLU B 64 3.56 -12.11 6.67
CA GLU B 64 2.60 -11.42 5.79
C GLU B 64 2.19 -10.04 6.29
N GLU B 65 2.22 -9.85 7.60
CA GLU B 65 1.90 -8.56 8.19
C GLU B 65 3.08 -7.64 7.89
N LEU B 66 4.29 -8.16 8.06
CA LEU B 66 5.52 -7.43 7.81
C LEU B 66 5.59 -6.99 6.36
N ALA B 67 5.19 -7.86 5.45
CA ALA B 67 5.19 -7.51 4.04
C ALA B 67 4.34 -6.28 3.73
N HIS B 68 3.25 -6.07 4.47
CA HIS B 68 2.41 -4.90 4.26
C HIS B 68 3.15 -3.66 4.68
N PHE B 69 4.00 -3.79 5.70
CA PHE B 69 4.76 -2.63 6.13
C PHE B 69 5.72 -2.21 5.05
N VAL B 70 6.28 -3.17 4.34
CA VAL B 70 7.21 -2.89 3.27
C VAL B 70 6.48 -2.33 2.04
N ALA B 71 5.31 -2.87 1.73
CA ALA B 71 4.55 -2.36 0.58
C ALA B 71 4.06 -0.98 0.94
N GLY B 72 3.76 -0.77 2.23
CA GLY B 72 3.26 0.51 2.69
C GLY B 72 4.31 1.60 2.57
N PHE B 73 5.54 1.22 2.91
CA PHE B 73 6.69 2.09 2.84
C PHE B 73 6.92 2.55 1.40
N ALA B 74 6.88 1.62 0.44
CA ALA B 74 7.10 1.96 -0.96
C ALA B 74 6.12 3.00 -1.49
N VAL B 75 4.86 2.88 -1.13
CA VAL B 75 3.89 3.84 -1.64
C VAL B 75 3.89 5.18 -0.90
N MET B 76 4.11 5.15 0.41
CA MET B 76 4.10 6.38 1.20
C MET B 76 5.32 7.26 0.92
N MET B 77 6.38 6.65 0.42
CA MET B 77 7.60 7.38 0.11
C MET B 77 7.65 7.67 -1.38
N ASN B 78 6.60 7.26 -2.10
CA ASN B 78 6.51 7.48 -3.55
C ASN B 78 7.69 6.87 -4.31
N LEU B 79 7.99 5.61 -4.01
CA LEU B 79 9.08 4.92 -4.69
C LEU B 79 8.51 4.07 -5.81
N GLY B 80 7.19 4.10 -5.96
CA GLY B 80 6.55 3.34 -7.02
C GLY B 80 6.59 1.85 -6.78
N ALA B 81 7.33 1.14 -7.61
CA ALA B 81 7.47 -0.31 -7.43
C ALA B 81 8.96 -0.70 -7.34
N PRO B 82 9.67 -0.28 -6.27
CA PRO B 82 11.09 -0.64 -6.17
C PRO B 82 11.31 -2.12 -6.01
N TRP B 83 12.50 -2.56 -6.38
CA TRP B 83 12.89 -3.96 -6.24
C TRP B 83 13.23 -4.18 -4.76
N VAL B 84 12.87 -5.33 -4.24
CA VAL B 84 13.15 -5.60 -2.84
C VAL B 84 14.14 -6.75 -2.66
N LEU B 85 15.31 -6.45 -2.11
CA LEU B 85 16.35 -7.44 -1.85
C LEU B 85 16.09 -7.96 -0.44
N LEU B 86 16.14 -9.29 -0.27
CA LEU B 86 15.84 -9.91 1.01
C LEU B 86 16.99 -10.66 1.69
N ARG B 87 17.00 -10.59 3.02
CA ARG B 87 18.03 -11.25 3.81
C ARG B 87 17.47 -11.59 5.18
N GLY B 88 17.97 -12.66 5.78
CA GLY B 88 17.51 -13.06 7.10
C GLY B 88 16.00 -13.23 7.19
N LEU B 89 15.38 -12.50 8.09
CA LEU B 89 13.93 -12.55 8.28
C LEU B 89 13.25 -12.04 7.02
N GLY B 90 13.98 -11.25 6.24
CA GLY B 90 13.45 -10.73 5.00
C GLY B 90 13.05 -11.83 4.03
N LEU B 91 13.82 -12.90 3.98
CA LEU B 91 13.49 -14.00 3.08
C LEU B 91 12.05 -14.45 3.19
N ALA B 92 11.53 -14.60 4.41
CA ALA B 92 10.15 -15.05 4.57
C ALA B 92 9.09 -14.09 4.04
N LEU B 93 9.48 -12.86 3.69
CA LEU B 93 8.51 -11.89 3.14
C LEU B 93 8.31 -12.07 1.65
N GLY B 94 9.33 -12.61 0.98
CA GLY B 94 9.31 -12.80 -0.47
C GLY B 94 8.01 -13.16 -1.15
N PRO B 95 7.37 -14.26 -0.74
CA PRO B 95 6.12 -14.60 -1.41
C PRO B 95 5.02 -13.55 -1.23
N HIS B 96 4.88 -13.06 0.00
CA HIS B 96 3.87 -12.06 0.31
C HIS B 96 4.09 -10.75 -0.43
N LEU B 97 5.35 -10.35 -0.58
CA LEU B 97 5.69 -9.13 -1.29
C LEU B 97 5.27 -9.27 -2.74
N GLU B 98 5.47 -10.47 -3.29
CA GLU B 98 5.12 -10.72 -4.68
C GLU B 98 3.62 -10.49 -4.89
N ALA B 99 2.80 -11.02 -3.98
CA ALA B 99 1.36 -10.84 -4.09
C ALA B 99 0.97 -9.37 -3.97
N LEU B 100 1.83 -8.58 -3.35
CA LEU B 100 1.52 -7.16 -3.18
C LEU B 100 2.03 -6.31 -4.33
N GLY B 101 2.60 -6.95 -5.33
CA GLY B 101 3.10 -6.21 -6.47
C GLY B 101 4.54 -5.74 -6.43
N LEU B 102 5.33 -6.30 -5.51
CA LEU B 102 6.74 -5.92 -5.39
C LEU B 102 7.62 -7.11 -5.73
N ARG B 103 8.52 -6.96 -6.69
CA ARG B 103 9.40 -8.06 -7.06
C ARG B 103 10.41 -8.27 -5.92
N ALA B 104 10.52 -9.51 -5.47
CA ALA B 104 11.43 -9.85 -4.38
C ALA B 104 12.65 -10.56 -4.90
N LEU B 105 13.83 -10.08 -4.50
CA LEU B 105 15.07 -10.72 -4.89
C LEU B 105 15.86 -11.18 -3.67
N PRO B 106 16.01 -12.50 -3.51
CA PRO B 106 16.78 -13.05 -2.37
C PRO B 106 18.23 -12.60 -2.53
N ALA B 107 18.82 -12.11 -1.45
CA ALA B 107 20.20 -11.66 -1.50
C ALA B 107 20.97 -12.22 -0.31
N GLU B 108 20.59 -13.44 0.10
CA GLU B 108 21.24 -14.08 1.24
C GLU B 108 22.60 -14.55 0.78
N GLY B 109 23.64 -14.21 1.52
CA GLY B 109 24.96 -14.67 1.10
C GLY B 109 25.51 -14.12 -0.20
N VAL B 110 24.90 -13.07 -0.73
CA VAL B 110 25.42 -12.47 -1.95
C VAL B 110 25.32 -10.95 -1.87
N GLU B 111 26.41 -10.28 -2.21
CA GLU B 111 26.47 -8.82 -2.17
C GLU B 111 25.43 -8.16 -3.06
N VAL B 112 24.96 -6.99 -2.65
CA VAL B 112 23.96 -6.23 -3.43
C VAL B 112 24.47 -5.93 -4.85
N ALA B 113 25.74 -5.52 -4.95
CA ALA B 113 26.32 -5.21 -6.25
C ALA B 113 26.24 -6.38 -7.24
N GLU B 114 26.40 -7.61 -6.75
CA GLU B 114 26.33 -8.77 -7.62
C GLU B 114 24.90 -9.10 -8.03
N VAL B 115 23.96 -8.93 -7.09
CA VAL B 115 22.56 -9.17 -7.36
C VAL B 115 22.04 -8.23 -8.44
N LEU B 116 22.22 -6.93 -8.23
CA LEU B 116 21.74 -5.96 -9.21
C LEU B 116 22.40 -6.16 -10.59
N SER B 117 23.63 -6.65 -10.60
CA SER B 117 24.32 -6.90 -11.86
C SER B 117 23.78 -8.15 -12.53
N SER B 118 23.70 -9.25 -11.79
CA SER B 118 23.20 -10.48 -12.37
C SER B 118 21.82 -10.26 -12.99
N LYS B 119 20.92 -9.71 -12.18
CA LYS B 119 19.55 -9.43 -12.61
C LYS B 119 19.46 -8.05 -13.26
N LEU B 120 20.27 -7.81 -14.30
CA LEU B 120 20.26 -6.53 -14.99
C LEU B 120 21.41 -6.41 -15.99
N SER B 121 22.64 -6.44 -15.48
CA SER B 121 23.85 -6.34 -16.28
C SER B 121 23.83 -7.25 -17.51
N TYR B 122 24.28 -6.69 -18.63
CA TYR B 122 24.36 -7.36 -19.93
C TYR B 122 23.66 -8.74 -20.01
N GLY B 123 22.33 -8.72 -19.97
CA GLY B 123 21.57 -9.95 -20.04
C GLY B 123 20.41 -9.97 -19.05
#